data_3SL0
#
_entry.id   3SL0
#
_cell.length_a   112.959
_cell.length_b   112.959
_cell.length_c   229.760
_cell.angle_alpha   90.00
_cell.angle_beta   90.00
_cell.angle_gamma   120.00
#
_symmetry.space_group_name_H-M   'H 3 2'
#
loop_
_entity.id
_entity.type
_entity.pdbx_description
1 polymer Arginase
2 non-polymer 'MANGANESE (II) ION'
3 non-polymer 2-(difluoromethyl)-6-(dihydroxyboranyl)-L-norleucine
4 water water
#
_entity_poly.entity_id   1
_entity_poly.type   'polypeptide(L)'
_entity_poly.pdbx_seq_one_letter_code
;MGSSHHHHHHSSGLVPRGSHMASKNVSIIGSPLAAGQPLGGVQLACDDLRKLGLHNVIDVLGWKYEDIGNIDNGDNEMKQ
EKKTNNYINNNDNNNDNNNDNNNDNNNNCYIPNGVIKEKKHDLSNNKMNGYVNHNFYGNYEENNVISTNDKYKNNCYYDN
IRNIKEIGIFSKNLFDTMSNELRKKNFVLNIGGDHGVAFSSILSSLQMYQNLRVIWIDAHGDINIPETSPSGNYHGMTLA
HTLGLFKKKVPYFEWSENLTYLKPENTAIIGIRDIDAYEKIILKKCNINYYTIFDIEKNGIYNTICTALEKIDPNSNCPI
HISLDIDSVDNVFAPGTGTVAKGGLNYREINLLMKILAETKRVVSMDLVEYNPSLDEVDKKVHGDSLPILDNATKTGKLC
LELIARVLGYDIV
;
_entity_poly.pdbx_strand_id   A
#
loop_
_chem_comp.id
_chem_comp.type
_chem_comp.name
_chem_comp.formula
MN non-polymer 'MANGANESE (II) ION' 'Mn 2'
#
# COMPACT_ATOMS: atom_id res chain seq x y z
N LYS A 24 16.66 -10.21 8.82
CA LYS A 24 15.85 -10.89 7.81
C LYS A 24 14.65 -11.61 8.43
N ASN A 25 13.90 -10.90 9.27
CA ASN A 25 12.65 -11.41 9.82
C ASN A 25 11.48 -10.55 9.36
N VAL A 26 10.44 -11.21 8.86
CA VAL A 26 9.25 -10.49 8.44
C VAL A 26 8.03 -10.95 9.22
N SER A 27 7.29 -9.98 9.76
CA SER A 27 5.99 -10.25 10.36
C SER A 27 4.94 -10.07 9.28
N ILE A 28 4.06 -11.05 9.13
CA ILE A 28 2.97 -10.99 8.16
C ILE A 28 1.67 -10.68 8.88
N ILE A 29 1.04 -9.58 8.51
CA ILE A 29 -0.25 -9.24 9.06
C ILE A 29 -1.29 -9.22 7.96
N GLY A 30 -2.38 -9.95 8.16
CA GLY A 30 -3.48 -9.94 7.23
C GLY A 30 -4.50 -8.94 7.72
N SER A 31 -4.88 -8.01 6.86
CA SER A 31 -5.80 -6.96 7.24
C SER A 31 -6.95 -6.92 6.26
N PRO A 32 -7.88 -7.86 6.41
CA PRO A 32 -8.92 -8.03 5.41
C PRO A 32 -10.07 -7.06 5.59
N LEU A 33 -9.78 -5.78 5.56
CA LEU A 33 -10.81 -4.77 5.72
C LEU A 33 -11.36 -4.44 4.35
N ALA A 34 -12.67 -4.52 4.21
CA ALA A 34 -13.28 -4.23 2.92
C ALA A 34 -14.32 -3.12 3.04
N ALA A 35 -14.28 -2.40 4.15
CA ALA A 35 -15.29 -1.39 4.46
C ALA A 35 -15.00 -0.01 3.89
N GLY A 36 -13.80 0.16 3.33
CA GLY A 36 -13.41 1.45 2.77
C GLY A 36 -13.93 1.70 1.37
N GLN A 37 -14.50 0.67 0.74
CA GLN A 37 -15.04 0.80 -0.61
C GLN A 37 -16.23 -0.12 -0.83
N PRO A 38 -17.03 0.14 -1.87
CA PRO A 38 -18.27 -0.60 -2.07
C PRO A 38 -18.08 -2.11 -2.00
N LEU A 39 -17.13 -2.61 -2.77
CA LEU A 39 -17.07 -4.05 -3.05
C LEU A 39 -16.50 -4.93 -1.95
N GLY A 40 -16.98 -6.17 -1.95
CA GLY A 40 -16.35 -7.26 -1.27
C GLY A 40 -15.45 -7.94 -2.28
N GLY A 41 -14.45 -8.65 -1.78
CA GLY A 41 -13.46 -9.32 -2.60
C GLY A 41 -12.09 -9.13 -1.97
N VAL A 42 -11.76 -7.89 -1.63
CA VAL A 42 -10.42 -7.60 -1.08
C VAL A 42 -10.22 -8.28 0.28
N GLN A 43 -11.32 -8.65 0.94
CA GLN A 43 -11.25 -9.34 2.22
C GLN A 43 -10.64 -10.74 2.04
N LEU A 44 -10.65 -11.23 0.81
CA LEU A 44 -10.13 -12.57 0.52
C LEU A 44 -8.66 -12.55 0.12
N ALA A 45 -8.11 -11.36 -0.06
CA ALA A 45 -6.75 -11.22 -0.59
C ALA A 45 -5.67 -11.88 0.28
N CYS A 46 -5.73 -11.65 1.59
CA CYS A 46 -4.71 -12.16 2.52
CA CYS A 46 -4.68 -12.16 2.47
C CYS A 46 -4.59 -13.68 2.45
N ASP A 47 -5.73 -14.36 2.58
CA ASP A 47 -5.72 -15.82 2.55
C ASP A 47 -5.39 -16.36 1.15
N ASP A 48 -5.75 -15.60 0.12
CA ASP A 48 -5.45 -16.02 -1.25
C ASP A 48 -3.95 -16.00 -1.50
N LEU A 49 -3.27 -14.94 -1.03
CA LEU A 49 -1.83 -14.87 -1.20
C LEU A 49 -1.11 -15.97 -0.43
N ARG A 50 -1.63 -16.33 0.75
CA ARG A 50 -1.10 -17.46 1.48
C ARG A 50 -1.27 -18.76 0.69
N LYS A 51 -2.47 -18.97 0.16
CA LYS A 51 -2.75 -20.16 -0.62
C LYS A 51 -1.84 -20.25 -1.84
N LEU A 52 -1.51 -19.11 -2.43
CA LEU A 52 -0.70 -19.08 -3.64
C LEU A 52 0.79 -19.32 -3.39
N GLY A 53 1.21 -19.22 -2.14
CA GLY A 53 2.55 -19.62 -1.75
C GLY A 53 3.39 -18.56 -1.04
N LEU A 54 2.75 -17.62 -0.36
CA LEU A 54 3.46 -16.55 0.34
C LEU A 54 4.59 -17.07 1.25
N HIS A 55 4.28 -18.07 2.07
CA HIS A 55 5.29 -18.64 2.96
C HIS A 55 6.46 -19.28 2.21
N ASN A 56 6.15 -20.07 1.19
CA ASN A 56 7.19 -20.71 0.39
C ASN A 56 8.08 -19.66 -0.29
N VAL A 57 7.48 -18.57 -0.73
CA VAL A 57 8.22 -17.49 -1.39
C VAL A 57 9.20 -16.83 -0.42
N ILE A 58 8.71 -16.50 0.78
CA ILE A 58 9.56 -15.91 1.82
C ILE A 58 10.68 -16.86 2.23
N ASP A 59 10.33 -18.14 2.38
CA ASP A 59 11.31 -19.17 2.73
CA ASP A 59 11.32 -19.16 2.73
C ASP A 59 12.46 -19.25 1.72
N VAL A 60 12.13 -19.30 0.44
CA VAL A 60 13.15 -19.48 -0.59
C VAL A 60 14.11 -18.28 -0.70
N LEU A 61 13.66 -17.12 -0.23
CA LEU A 61 14.48 -15.91 -0.30
C LEU A 61 15.39 -15.76 0.91
N GLY A 62 15.35 -16.74 1.80
CA GLY A 62 16.25 -16.75 2.94
C GLY A 62 15.78 -15.90 4.11
N TRP A 63 14.51 -15.54 4.10
CA TRP A 63 13.90 -14.79 5.20
C TRP A 63 13.15 -15.73 6.14
N LYS A 64 13.07 -15.35 7.41
CA LYS A 64 12.21 -16.05 8.37
C LYS A 64 10.94 -15.23 8.55
N TYR A 65 9.80 -15.89 8.70
CA TYR A 65 8.55 -15.16 8.86
C TYR A 65 7.84 -15.54 10.15
N GLU A 66 7.01 -14.61 10.61
CA GLU A 66 6.10 -14.85 11.70
C GLU A 66 4.75 -14.38 11.17
N ASP A 67 3.85 -15.32 10.93
CA ASP A 67 2.54 -14.98 10.39
C ASP A 67 1.57 -14.78 11.53
N ILE A 68 1.15 -13.53 11.74
CA ILE A 68 0.33 -13.15 12.88
C ILE A 68 -1.13 -13.48 12.64
N GLY A 69 -1.46 -13.90 11.43
CA GLY A 69 -2.84 -14.21 11.08
C GLY A 69 -3.55 -12.98 10.54
N ASN A 70 -4.87 -12.91 10.75
CA ASN A 70 -5.66 -11.80 10.23
C ASN A 70 -6.25 -10.96 11.36
N ILE A 71 -6.24 -9.65 11.20
CA ILE A 71 -6.96 -8.77 12.12
C ILE A 71 -8.44 -9.15 12.04
N ASP A 72 -9.11 -9.25 13.18
CA ASP A 72 -10.51 -9.63 13.16
C ASP A 72 -11.43 -8.42 13.26
N ASN A 73 -12.72 -8.62 12.94
CA ASN A 73 -13.71 -7.55 13.05
C ASN A 73 -15.11 -8.04 12.71
N CYS A 156 -19.21 18.75 14.87
CA CYS A 156 -17.87 18.57 15.40
C CYS A 156 -17.24 17.28 14.85
N TYR A 157 -18.09 16.31 14.53
CA TYR A 157 -17.67 15.07 13.90
C TYR A 157 -18.18 15.03 12.47
N TYR A 158 -17.43 14.35 11.60
CA TYR A 158 -17.92 14.06 10.26
C TYR A 158 -19.04 13.04 10.36
N ASP A 159 -20.08 13.20 9.55
CA ASP A 159 -21.19 12.27 9.53
CA ASP A 159 -21.19 12.27 9.53
C ASP A 159 -21.40 11.67 8.13
N ASN A 160 -20.41 11.87 7.26
CA ASN A 160 -20.55 11.46 5.87
C ASN A 160 -19.49 10.50 5.33
N ILE A 161 -18.89 9.71 6.23
CA ILE A 161 -17.96 8.67 5.80
C ILE A 161 -18.62 7.31 5.95
N ARG A 162 -18.74 6.57 4.84
CA ARG A 162 -19.44 5.29 4.86
C ARG A 162 -18.70 4.23 5.68
N ASN A 163 -19.47 3.45 6.44
CA ASN A 163 -18.93 2.30 7.16
C ASN A 163 -17.85 2.67 8.18
N ILE A 164 -17.89 3.90 8.68
CA ILE A 164 -16.77 4.43 9.46
C ILE A 164 -16.58 3.72 10.80
N LYS A 165 -17.67 3.23 11.39
CA LYS A 165 -17.58 2.49 12.64
C LYS A 165 -16.69 1.26 12.47
N GLU A 166 -17.05 0.41 11.51
CA GLU A 166 -16.25 -0.77 11.20
C GLU A 166 -14.79 -0.42 10.93
N ILE A 167 -14.58 0.64 10.15
CA ILE A 167 -13.23 1.05 9.80
C ILE A 167 -12.44 1.50 11.03
N GLY A 168 -13.08 2.31 11.88
CA GLY A 168 -12.45 2.82 13.08
C GLY A 168 -12.06 1.74 14.06
N ILE A 169 -12.98 0.82 14.31
CA ILE A 169 -12.72 -0.30 15.21
C ILE A 169 -11.63 -1.20 14.65
N PHE A 170 -11.72 -1.52 13.36
CA PHE A 170 -10.68 -2.32 12.72
C PHE A 170 -9.32 -1.64 12.83
N SER A 171 -9.29 -0.34 12.60
CA SER A 171 -8.02 0.39 12.56
C SER A 171 -7.30 0.41 13.91
N LYS A 172 -8.07 0.50 14.99
CA LYS A 172 -7.48 0.46 16.33
C LYS A 172 -6.80 -0.89 16.53
N ASN A 173 -7.48 -1.97 16.17
CA ASN A 173 -6.92 -3.31 16.29
CA ASN A 173 -6.91 -3.31 16.29
C ASN A 173 -5.64 -3.46 15.47
N LEU A 174 -5.67 -3.02 14.21
CA LEU A 174 -4.49 -3.09 13.35
C LEU A 174 -3.35 -2.24 13.93
N PHE A 175 -3.68 -1.05 14.42
CA PHE A 175 -2.66 -0.18 14.99
C PHE A 175 -1.93 -0.86 16.14
N ASP A 176 -2.68 -1.42 17.08
CA ASP A 176 -2.13 -2.09 18.24
C ASP A 176 -1.31 -3.33 17.86
N THR A 177 -1.84 -4.13 16.93
CA THR A 177 -1.18 -5.35 16.50
C THR A 177 0.13 -5.05 15.75
N MET A 178 0.07 -4.10 14.83
CA MET A 178 1.25 -3.74 14.07
C MET A 178 2.30 -3.05 14.93
N SER A 179 1.87 -2.25 15.91
CA SER A 179 2.82 -1.60 16.81
C SER A 179 3.68 -2.66 17.49
N ASN A 180 3.02 -3.73 17.93
CA ASN A 180 3.71 -4.82 18.60
C ASN A 180 4.71 -5.54 17.69
N GLU A 181 4.37 -5.70 16.42
CA GLU A 181 5.26 -6.33 15.45
C GLU A 181 6.46 -5.46 15.11
N LEU A 182 6.22 -4.15 15.00
CA LEU A 182 7.27 -3.21 14.66
C LEU A 182 8.33 -3.15 15.75
N ARG A 183 7.90 -3.27 17.01
CA ARG A 183 8.82 -3.21 18.13
C ARG A 183 9.81 -4.38 18.14
N LYS A 184 9.48 -5.43 17.40
CA LYS A 184 10.40 -6.57 17.28
C LYS A 184 11.55 -6.24 16.33
N LYS A 185 11.43 -5.11 15.63
CA LYS A 185 12.40 -4.72 14.60
C LYS A 185 12.38 -5.67 13.39
N ASN A 186 11.26 -6.37 13.24
CA ASN A 186 10.98 -7.13 12.02
C ASN A 186 10.57 -6.18 10.91
N PHE A 187 10.84 -6.58 9.68
CA PHE A 187 10.16 -5.96 8.55
C PHE A 187 8.69 -6.35 8.69
N VAL A 188 7.77 -5.40 8.53
CA VAL A 188 6.35 -5.72 8.70
C VAL A 188 5.61 -5.61 7.37
N LEU A 189 4.98 -6.71 6.96
CA LEU A 189 4.24 -6.75 5.70
C LEU A 189 2.74 -6.80 6.00
N ASN A 190 2.04 -5.74 5.64
CA ASN A 190 0.61 -5.59 5.88
C ASN A 190 -0.18 -5.83 4.59
N ILE A 191 -0.91 -6.94 4.53
CA ILE A 191 -1.64 -7.29 3.31
C ILE A 191 -3.13 -7.01 3.48
N GLY A 192 -3.64 -6.03 2.74
CA GLY A 192 -5.06 -5.69 2.75
C GLY A 192 -5.88 -6.69 1.96
N GLY A 193 -7.19 -6.48 1.87
CA GLY A 193 -7.85 -5.29 2.38
C GLY A 193 -7.77 -4.12 1.40
N ASP A 194 -8.71 -3.19 1.52
CA ASP A 194 -8.64 -1.98 0.71
C ASP A 194 -7.63 -1.01 1.32
N HIS A 195 -7.40 0.13 0.68
CA HIS A 195 -6.30 1.00 1.09
C HIS A 195 -6.54 1.65 2.45
N GLY A 196 -7.75 1.50 2.98
CA GLY A 196 -8.07 2.03 4.29
C GLY A 196 -7.13 1.55 5.38
N VAL A 197 -6.54 0.37 5.19
CA VAL A 197 -5.66 -0.21 6.20
C VAL A 197 -4.33 0.52 6.31
N ALA A 198 -4.03 1.42 5.39
CA ALA A 198 -2.74 2.13 5.41
C ALA A 198 -2.66 3.18 6.50
N PHE A 199 -3.81 3.64 7.00
CA PHE A 199 -3.81 4.66 8.05
C PHE A 199 -3.10 4.14 9.29
N SER A 200 -3.55 3.00 9.82
CA SER A 200 -2.96 2.43 11.02
C SER A 200 -1.57 1.88 10.76
N SER A 201 -1.35 1.39 9.54
CA SER A 201 -0.05 0.85 9.16
C SER A 201 1.00 1.95 9.18
N ILE A 202 0.74 3.02 8.44
CA ILE A 202 1.69 4.13 8.37
C ILE A 202 1.89 4.81 9.72
N LEU A 203 0.79 5.07 10.45
CA LEU A 203 0.92 5.79 11.71
C LEU A 203 1.63 4.96 12.78
N SER A 204 1.37 3.65 12.82
CA SER A 204 2.10 2.82 13.79
C SER A 204 3.59 2.83 13.45
N SER A 205 3.90 2.70 12.18
CA SER A 205 5.30 2.70 11.75
C SER A 205 5.97 4.06 12.05
N LEU A 206 5.20 5.13 11.84
CA LEU A 206 5.68 6.49 12.08
C LEU A 206 5.95 6.79 13.55
N GLN A 207 5.14 6.24 14.45
CA GLN A 207 5.36 6.49 15.87
C GLN A 207 6.70 5.88 16.31
N MET A 208 7.07 4.75 15.70
CA MET A 208 8.35 4.10 15.99
C MET A 208 9.52 4.70 15.22
N TYR A 209 9.28 4.99 13.94
CA TYR A 209 10.29 5.59 13.06
C TYR A 209 9.87 7.02 12.73
N GLN A 210 10.27 7.97 13.57
CA GLN A 210 9.77 9.34 13.43
C GLN A 210 10.20 9.99 12.12
N ASN A 211 11.32 9.53 11.57
CA ASN A 211 11.82 10.05 10.31
C ASN A 211 11.43 9.17 9.12
N LEU A 212 10.32 8.45 9.27
CA LEU A 212 9.80 7.61 8.20
C LEU A 212 9.56 8.41 6.93
N ARG A 213 9.88 7.82 5.79
CA ARG A 213 9.51 8.37 4.49
C ARG A 213 8.57 7.39 3.80
N VAL A 214 7.48 7.90 3.26
CA VAL A 214 6.44 7.04 2.70
C VAL A 214 6.38 7.16 1.18
N ILE A 215 6.44 6.02 0.50
CA ILE A 215 6.27 5.94 -0.94
C ILE A 215 4.90 5.33 -1.21
N TRP A 216 3.99 6.13 -1.73
CA TRP A 216 2.59 5.74 -1.94
C TRP A 216 2.43 5.49 -3.43
N ILE A 217 2.28 4.22 -3.80
CA ILE A 217 2.27 3.82 -5.20
C ILE A 217 0.84 3.48 -5.59
N ASP A 218 0.27 4.27 -6.49
CA ASP A 218 -1.18 4.25 -6.67
C ASP A 218 -1.58 4.96 -7.95
N ALA A 219 -2.64 4.50 -8.61
CA ALA A 219 -3.18 5.23 -9.74
C ALA A 219 -3.90 6.48 -9.25
N HIS A 220 -4.27 6.47 -7.97
CA HIS A 220 -5.10 7.51 -7.38
C HIS A 220 -4.41 8.24 -6.25
N GLY A 221 -4.94 9.39 -5.86
CA GLY A 221 -4.36 10.18 -4.79
C GLY A 221 -4.80 9.74 -3.40
N ASP A 222 -6.04 9.28 -3.32
CA ASP A 222 -6.64 8.86 -2.07
C ASP A 222 -6.57 10.03 -1.09
N ILE A 223 -6.65 11.22 -1.63
CA ILE A 223 -6.39 12.43 -0.89
C ILE A 223 -7.62 13.34 -0.75
N ASN A 224 -8.79 12.77 -0.99
CA ASN A 224 -10.03 13.44 -0.70
C ASN A 224 -10.22 13.60 0.80
N ILE A 225 -10.91 14.65 1.20
CA ILE A 225 -11.37 14.80 2.56
C ILE A 225 -12.88 14.60 2.52
N PRO A 226 -13.50 14.27 3.64
CA PRO A 226 -14.92 13.92 3.59
C PRO A 226 -15.81 14.96 2.92
N GLU A 227 -15.47 16.24 3.03
CA GLU A 227 -16.28 17.28 2.42
C GLU A 227 -16.06 17.44 0.91
N THR A 228 -15.08 16.73 0.35
CA THR A 228 -14.81 16.82 -1.08
C THR A 228 -15.00 15.47 -1.79
N SER A 229 -15.11 14.40 -1.00
CA SER A 229 -15.27 13.06 -1.57
C SER A 229 -16.52 12.96 -2.42
N PRO A 230 -16.38 12.43 -3.64
CA PRO A 230 -17.52 12.18 -4.53
C PRO A 230 -18.31 10.93 -4.11
N SER A 231 -17.68 10.06 -3.31
CA SER A 231 -18.24 8.75 -3.04
C SER A 231 -18.60 8.52 -1.57
N GLY A 232 -17.86 9.14 -0.67
CA GLY A 232 -18.01 8.86 0.75
C GLY A 232 -17.26 7.61 1.13
N ASN A 233 -16.53 7.04 0.17
CA ASN A 233 -15.72 5.86 0.41
C ASN A 233 -14.37 6.22 1.04
N TYR A 234 -14.11 5.65 2.20
CA TYR A 234 -12.91 6.00 2.97
C TYR A 234 -11.59 5.71 2.25
N HIS A 235 -11.54 4.62 1.48
CA HIS A 235 -10.27 4.26 0.83
C HIS A 235 -9.82 5.34 -0.16
N GLY A 236 -10.72 6.26 -0.51
CA GLY A 236 -10.36 7.37 -1.37
C GLY A 236 -9.92 8.59 -0.57
N MET A 237 -9.88 8.47 0.76
CA MET A 237 -9.49 9.56 1.66
C MET A 237 -8.31 9.21 2.56
N THR A 238 -7.89 7.95 2.53
CA THR A 238 -6.94 7.45 3.52
C THR A 238 -5.63 8.25 3.62
N LEU A 239 -5.08 8.67 2.49
CA LEU A 239 -3.83 9.43 2.54
C LEU A 239 -4.07 10.81 3.14
N ALA A 240 -5.18 11.45 2.78
CA ALA A 240 -5.50 12.76 3.36
C ALA A 240 -5.63 12.64 4.87
N HIS A 241 -6.26 11.56 5.32
CA HIS A 241 -6.44 11.32 6.75
C HIS A 241 -5.08 11.13 7.45
N THR A 242 -4.22 10.35 6.83
CA THR A 242 -2.91 10.01 7.36
C THR A 242 -2.02 11.26 7.46
N LEU A 243 -2.22 12.19 6.53
CA LEU A 243 -1.43 13.42 6.47
C LEU A 243 -1.95 14.50 7.39
N GLY A 244 -3.00 14.21 8.15
CA GLY A 244 -3.57 15.17 9.08
C GLY A 244 -4.40 16.25 8.40
N LEU A 245 -4.97 15.93 7.24
CA LEU A 245 -5.70 16.91 6.45
C LEU A 245 -7.19 17.01 6.81
N PHE A 246 -7.69 16.04 7.55
CA PHE A 246 -9.10 16.09 8.00
C PHE A 246 -9.32 17.28 8.93
N LYS A 247 -10.44 17.97 8.76
CA LYS A 247 -10.73 19.17 9.53
C LYS A 247 -11.60 18.90 10.77
N LYS A 248 -12.41 17.85 10.71
CA LYS A 248 -13.24 17.47 11.85
C LYS A 248 -12.79 16.13 12.44
N LYS A 249 -13.40 15.75 13.56
CA LYS A 249 -13.12 14.47 14.19
C LYS A 249 -13.80 13.33 13.45
N VAL A 250 -13.19 12.15 13.50
CA VAL A 250 -13.75 10.98 12.84
C VAL A 250 -14.33 10.02 13.89
N PRO A 251 -15.61 9.64 13.72
CA PRO A 251 -16.21 8.70 14.66
C PRO A 251 -15.39 7.42 14.77
N TYR A 252 -15.19 6.94 15.99
CA TYR A 252 -14.48 5.69 16.24
C TYR A 252 -12.98 5.75 15.93
N PHE A 253 -12.44 6.97 15.85
CA PHE A 253 -11.02 7.16 15.66
C PHE A 253 -10.40 7.96 16.81
N GLU A 254 -11.14 8.06 17.92
CA GLU A 254 -10.67 8.81 19.09
C GLU A 254 -9.29 8.32 19.57
N TRP A 255 -9.08 7.01 19.51
CA TRP A 255 -7.81 6.41 19.88
C TRP A 255 -6.62 7.01 19.11
N SER A 256 -6.89 7.63 17.96
CA SER A 256 -5.84 8.09 17.07
C SER A 256 -5.55 9.58 17.21
N GLU A 257 -6.36 10.28 17.98
CA GLU A 257 -6.33 11.75 17.99
C GLU A 257 -5.03 12.36 18.50
N ASN A 258 -4.27 11.62 19.30
CA ASN A 258 -3.03 12.15 19.85
C ASN A 258 -1.77 11.62 19.18
N LEU A 259 -1.95 10.93 18.05
CA LEU A 259 -0.82 10.39 17.32
C LEU A 259 -0.12 11.50 16.52
N THR A 260 1.16 11.29 16.22
CA THR A 260 1.85 12.13 15.25
C THR A 260 1.45 11.72 13.82
N TYR A 261 1.05 12.70 13.00
CA TYR A 261 0.62 12.42 11.64
C TYR A 261 1.76 12.54 10.63
N LEU A 262 1.57 11.93 9.46
CA LEU A 262 2.54 11.99 8.38
C LEU A 262 2.59 13.40 7.78
N LYS A 263 3.78 13.84 7.40
CA LYS A 263 3.94 15.14 6.74
C LYS A 263 4.07 14.96 5.23
N PRO A 264 3.36 15.81 4.47
CA PRO A 264 3.38 15.79 2.99
C PRO A 264 4.79 15.86 2.42
N GLU A 265 5.66 16.67 3.02
CA GLU A 265 7.02 16.81 2.49
C GLU A 265 7.85 15.53 2.68
N ASN A 266 7.39 14.64 3.55
CA ASN A 266 8.09 13.36 3.77
C ASN A 266 7.45 12.21 3.02
N THR A 267 6.65 12.56 2.03
CA THR A 267 5.88 11.57 1.28
C THR A 267 6.06 11.79 -0.22
N ALA A 268 6.08 10.70 -0.97
CA ALA A 268 6.04 10.80 -2.42
C ALA A 268 4.95 9.87 -2.95
N ILE A 269 4.07 10.41 -3.78
CA ILE A 269 3.06 9.59 -4.47
C ILE A 269 3.56 9.30 -5.89
N ILE A 270 3.52 8.03 -6.29
CA ILE A 270 4.07 7.64 -7.58
C ILE A 270 3.08 6.81 -8.40
N GLY A 271 2.86 7.22 -9.65
CA GLY A 271 2.06 6.44 -10.60
C GLY A 271 0.68 7.01 -10.84
N ILE A 272 0.38 8.17 -10.25
CA ILE A 272 -0.99 8.69 -10.29
C ILE A 272 -1.42 9.13 -11.68
N ARG A 273 -2.72 8.99 -11.95
CA ARG A 273 -3.26 9.31 -13.26
C ARG A 273 -4.76 9.59 -13.25
N ASP A 274 -5.43 9.24 -12.16
CA ASP A 274 -6.88 9.44 -12.05
C ASP A 274 -7.22 10.22 -10.77
N ILE A 275 -7.29 11.54 -10.90
CA ILE A 275 -7.43 12.43 -9.77
C ILE A 275 -8.71 13.26 -9.91
N ASP A 276 -9.50 13.34 -8.85
CA ASP A 276 -10.73 14.15 -8.87
C ASP A 276 -10.42 15.64 -8.85
N ALA A 277 -11.39 16.45 -9.27
CA ALA A 277 -11.23 17.90 -9.35
C ALA A 277 -10.75 18.53 -8.04
N TYR A 278 -11.41 18.21 -6.93
CA TYR A 278 -11.02 18.76 -5.63
C TYR A 278 -9.65 18.24 -5.19
N GLU A 279 -9.40 16.96 -5.45
CA GLU A 279 -8.12 16.33 -5.14
C GLU A 279 -6.93 17.06 -5.77
N LYS A 280 -7.11 17.52 -7.01
CA LYS A 280 -6.07 18.27 -7.70
C LYS A 280 -5.65 19.49 -6.89
N ILE A 281 -6.62 20.12 -6.25
CA ILE A 281 -6.38 21.32 -5.45
C ILE A 281 -5.71 20.95 -4.14
N ILE A 282 -6.21 19.90 -3.50
CA ILE A 282 -5.63 19.41 -2.25
C ILE A 282 -4.18 19.00 -2.45
N LEU A 283 -3.92 18.27 -3.53
CA LEU A 283 -2.56 17.83 -3.87
C LEU A 283 -1.59 18.99 -3.94
N LYS A 284 -1.96 20.03 -4.69
CA LYS A 284 -1.09 21.18 -4.85
C LYS A 284 -0.94 21.95 -3.54
N LYS A 285 -2.05 22.08 -2.82
CA LYS A 285 -2.07 22.90 -1.61
C LYS A 285 -1.21 22.36 -0.46
N CYS A 286 -1.21 21.04 -0.27
CA CYS A 286 -0.52 20.45 0.87
C CYS A 286 0.96 20.21 0.57
N ASN A 287 1.35 20.47 -0.68
CA ASN A 287 2.75 20.42 -1.10
C ASN A 287 3.39 19.03 -1.02
N ILE A 288 2.57 18.00 -1.16
CA ILE A 288 3.10 16.64 -1.20
C ILE A 288 3.88 16.46 -2.50
N ASN A 289 4.87 15.57 -2.48
CA ASN A 289 5.61 15.26 -3.68
C ASN A 289 4.89 14.20 -4.48
N TYR A 290 4.61 14.50 -5.74
CA TYR A 290 3.89 13.54 -6.56
C TYR A 290 4.52 13.39 -7.93
N TYR A 291 4.39 12.20 -8.50
CA TYR A 291 5.01 11.83 -9.76
C TYR A 291 3.96 11.06 -10.55
N THR A 292 3.44 11.71 -11.59
CA THR A 292 2.33 11.16 -12.35
C THR A 292 2.85 10.19 -13.39
N ILE A 293 1.93 9.51 -14.06
CA ILE A 293 2.32 8.59 -15.10
C ILE A 293 2.99 9.34 -16.26
N PHE A 294 2.65 10.62 -16.42
CA PHE A 294 3.32 11.47 -17.42
C PHE A 294 4.79 11.76 -17.06
N ASP A 295 5.06 12.02 -15.78
CA ASP A 295 6.45 12.18 -15.33
C ASP A 295 7.22 10.88 -15.58
N ILE A 296 6.57 9.76 -15.33
CA ILE A 296 7.16 8.45 -15.56
C ILE A 296 7.42 8.21 -17.04
N GLU A 297 6.46 8.60 -17.88
CA GLU A 297 6.63 8.46 -19.33
C GLU A 297 7.76 9.36 -19.85
N LYS A 298 7.89 10.54 -19.26
N LYS A 298 7.88 10.55 -19.28
CA LYS A 298 8.92 11.49 -19.70
CA LYS A 298 8.93 11.50 -19.67
C LYS A 298 10.32 11.09 -19.27
C LYS A 298 10.30 10.94 -19.31
N ASN A 299 10.46 10.61 -18.03
CA ASN A 299 11.77 10.35 -17.45
C ASN A 299 12.12 8.88 -17.22
N GLY A 300 11.10 8.02 -17.25
CA GLY A 300 11.31 6.61 -16.95
C GLY A 300 11.13 6.37 -15.46
N ILE A 301 10.74 5.14 -15.11
CA ILE A 301 10.48 4.79 -13.73
C ILE A 301 11.74 4.87 -12.86
N TYR A 302 12.88 4.53 -13.43
CA TYR A 302 14.13 4.55 -12.67
C TYR A 302 14.49 5.97 -12.23
N ASN A 303 14.60 6.89 -13.18
CA ASN A 303 14.86 8.30 -12.85
C ASN A 303 13.80 8.87 -11.90
N THR A 304 12.54 8.48 -12.11
CA THR A 304 11.46 8.97 -11.28
C THR A 304 11.64 8.60 -9.79
N ILE A 305 11.88 7.32 -9.51
CA ILE A 305 12.03 6.90 -8.12
C ILE A 305 13.32 7.46 -7.49
N CYS A 306 14.39 7.56 -8.28
CA CYS A 306 15.61 8.18 -7.78
C CYS A 306 15.36 9.65 -7.40
N THR A 307 14.61 10.34 -8.26
CA THR A 307 14.25 11.73 -7.99
C THR A 307 13.41 11.86 -6.72
N ALA A 308 12.40 10.99 -6.59
CA ALA A 308 11.56 10.98 -5.40
C ALA A 308 12.35 10.71 -4.12
N LEU A 309 13.22 9.70 -4.16
CA LEU A 309 14.01 9.34 -2.98
C LEU A 309 14.97 10.46 -2.59
N GLU A 310 15.53 11.12 -3.60
CA GLU A 310 16.45 12.23 -3.36
C GLU A 310 15.72 13.41 -2.75
N LYS A 311 14.49 13.63 -3.21
CA LYS A 311 13.65 14.73 -2.73
C LYS A 311 13.22 14.55 -1.28
N ILE A 312 12.75 13.36 -0.92
CA ILE A 312 12.26 13.15 0.45
C ILE A 312 13.33 12.65 1.43
N ASP A 313 14.40 12.08 0.91
CA ASP A 313 15.48 11.56 1.74
C ASP A 313 16.84 11.93 1.15
N PRO A 314 17.17 13.23 1.14
CA PRO A 314 18.40 13.75 0.53
C PRO A 314 19.66 13.06 1.07
N ASN A 315 19.64 12.65 2.33
CA ASN A 315 20.83 12.05 2.93
C ASN A 315 20.79 10.52 2.95
N SER A 316 19.79 9.95 2.28
CA SER A 316 19.68 8.50 2.17
C SER A 316 19.85 7.81 3.52
N ASN A 317 19.20 8.32 4.55
CA ASN A 317 19.37 7.77 5.89
C ASN A 317 18.05 7.56 6.65
N CYS A 318 16.93 7.57 5.93
CA CYS A 318 15.63 7.45 6.57
C CYS A 318 15.00 6.08 6.31
N PRO A 319 14.30 5.54 7.31
CA PRO A 319 13.51 4.33 7.08
C PRO A 319 12.36 4.61 6.10
N ILE A 320 12.01 3.60 5.31
CA ILE A 320 11.03 3.76 4.24
C ILE A 320 9.81 2.86 4.46
N HIS A 321 8.62 3.42 4.27
CA HIS A 321 7.39 2.63 4.24
C HIS A 321 6.82 2.66 2.83
N ILE A 322 6.55 1.48 2.28
CA ILE A 322 5.94 1.38 0.94
C ILE A 322 4.47 1.05 1.08
N SER A 323 3.61 1.92 0.56
CA SER A 323 2.19 1.60 0.52
C SER A 323 1.78 1.34 -0.94
N LEU A 324 1.74 0.07 -1.30
CA LEU A 324 1.47 -0.32 -2.68
C LEU A 324 0.00 -0.69 -2.92
N ASP A 325 -0.69 0.17 -3.67
CA ASP A 325 -2.01 -0.14 -4.20
C ASP A 325 -1.80 -0.78 -5.58
N ILE A 326 -2.27 -2.00 -5.74
CA ILE A 326 -1.96 -2.77 -6.95
C ILE A 326 -2.58 -2.16 -8.21
N ASP A 327 -3.60 -1.31 -8.05
CA ASP A 327 -4.18 -0.65 -9.23
C ASP A 327 -3.27 0.41 -9.85
N SER A 328 -2.11 0.63 -9.25
CA SER A 328 -1.07 1.46 -9.89
C SER A 328 -0.58 0.77 -11.16
N VAL A 329 -0.71 -0.55 -11.18
CA VAL A 329 -0.25 -1.37 -12.30
C VAL A 329 -1.34 -1.46 -13.35
N ASP A 330 -0.96 -1.40 -14.61
CA ASP A 330 -1.93 -1.48 -15.68
C ASP A 330 -2.77 -2.76 -15.63
N ASN A 331 -4.01 -2.60 -16.03
CA ASN A 331 -5.05 -3.64 -16.07
C ASN A 331 -4.63 -4.90 -16.83
N VAL A 332 -3.76 -4.73 -17.81
CA VAL A 332 -3.25 -5.85 -18.58
C VAL A 332 -2.53 -6.87 -17.68
N PHE A 333 -1.87 -6.35 -16.65
CA PHE A 333 -1.09 -7.19 -15.74
C PHE A 333 -1.78 -7.41 -14.40
N ALA A 334 -2.66 -6.47 -14.03
CA ALA A 334 -3.31 -6.51 -12.72
C ALA A 334 -4.81 -6.27 -12.82
N PRO A 335 -5.54 -7.19 -13.47
CA PRO A 335 -6.99 -7.02 -13.58
C PRO A 335 -7.71 -7.23 -12.23
N GLY A 336 -7.06 -7.91 -11.30
CA GLY A 336 -7.70 -8.26 -10.04
C GLY A 336 -7.76 -7.12 -9.02
N THR A 337 -8.49 -6.06 -9.37
CA THR A 337 -8.58 -4.89 -8.50
C THR A 337 -9.83 -4.08 -8.84
N GLY A 338 -10.35 -3.35 -7.86
CA GLY A 338 -11.68 -2.78 -7.94
C GLY A 338 -11.80 -1.50 -8.76
N THR A 339 -10.76 -0.68 -8.77
CA THR A 339 -10.85 0.61 -9.42
C THR A 339 -9.71 0.78 -10.42
N VAL A 340 -10.01 0.53 -11.68
CA VAL A 340 -8.99 0.48 -12.72
C VAL A 340 -8.84 1.83 -13.43
N ALA A 341 -7.60 2.20 -13.75
CA ALA A 341 -7.33 3.40 -14.51
C ALA A 341 -6.37 3.08 -15.65
N LYS A 342 -6.73 3.48 -16.86
CA LYS A 342 -5.94 3.21 -18.06
C LYS A 342 -4.54 3.77 -17.94
N GLY A 343 -3.61 3.19 -18.69
CA GLY A 343 -2.24 3.71 -18.77
C GLY A 343 -1.44 3.55 -17.49
N GLY A 344 -1.47 2.37 -16.88
CA GLY A 344 -0.74 2.18 -15.64
C GLY A 344 0.72 1.74 -15.82
N LEU A 345 1.38 1.48 -14.71
CA LEU A 345 2.73 0.92 -14.73
C LEU A 345 2.70 -0.45 -15.39
N ASN A 346 3.66 -0.73 -16.27
CA ASN A 346 3.72 -2.06 -16.85
C ASN A 346 4.47 -3.04 -15.96
N TYR A 347 4.53 -4.30 -16.39
CA TYR A 347 5.11 -5.37 -15.60
C TYR A 347 6.57 -5.11 -15.26
N ARG A 348 7.34 -4.69 -16.25
CA ARG A 348 8.75 -4.38 -16.06
C ARG A 348 8.94 -3.21 -15.10
N GLU A 349 8.13 -2.18 -15.26
CA GLU A 349 8.25 -0.99 -14.42
C GLU A 349 7.97 -1.25 -12.94
N ILE A 350 6.88 -1.93 -12.63
CA ILE A 350 6.52 -2.14 -11.24
C ILE A 350 7.56 -3.03 -10.55
N ASN A 351 8.02 -4.04 -11.27
CA ASN A 351 9.08 -4.91 -10.75
C ASN A 351 10.38 -4.15 -10.48
N LEU A 352 10.79 -3.32 -11.43
CA LEU A 352 12.00 -2.50 -11.25
C LEU A 352 11.85 -1.55 -10.07
N LEU A 353 10.67 -0.93 -9.95
CA LEU A 353 10.41 0.00 -8.86
C LEU A 353 10.62 -0.66 -7.50
N MET A 354 10.05 -1.84 -7.32
CA MET A 354 10.16 -2.58 -6.07
CA MET A 354 10.17 -2.53 -6.04
C MET A 354 11.61 -2.99 -5.81
N LYS A 355 12.31 -3.34 -6.88
CA LYS A 355 13.71 -3.73 -6.78
C LYS A 355 14.57 -2.57 -6.28
N ILE A 356 14.38 -1.40 -6.87
CA ILE A 356 15.11 -0.20 -6.46
C ILE A 356 14.85 0.15 -5.00
N LEU A 357 13.59 0.06 -4.57
CA LEU A 357 13.26 0.33 -3.17
C LEU A 357 13.92 -0.69 -2.23
N ALA A 358 13.90 -1.96 -2.61
CA ALA A 358 14.58 -2.99 -1.86
C ALA A 358 16.05 -2.65 -1.67
N GLU A 359 16.67 -2.12 -2.72
CA GLU A 359 18.10 -1.90 -2.73
C GLU A 359 18.56 -0.72 -1.87
N THR A 360 17.61 0.09 -1.40
CA THR A 360 17.96 1.12 -0.42
C THR A 360 18.38 0.46 0.88
N LYS A 361 17.85 -0.73 1.15
CA LYS A 361 18.10 -1.44 2.39
C LYS A 361 17.47 -0.72 3.58
N ARG A 362 16.54 0.18 3.32
CA ARG A 362 15.93 0.97 4.39
C ARG A 362 14.41 0.75 4.55
N VAL A 363 13.83 -0.13 3.75
CA VAL A 363 12.40 -0.41 3.89
C VAL A 363 12.10 -1.16 5.18
N VAL A 364 11.25 -0.59 6.03
CA VAL A 364 10.94 -1.22 7.31
C VAL A 364 9.53 -1.80 7.36
N SER A 365 8.65 -1.30 6.50
CA SER A 365 7.27 -1.79 6.49
C SER A 365 6.62 -1.56 5.13
N MET A 366 5.53 -2.25 4.88
CA MET A 366 4.90 -2.18 3.58
C MET A 366 3.43 -2.61 3.64
N ASP A 367 2.59 -1.92 2.87
CA ASP A 367 1.21 -2.36 2.62
C ASP A 367 1.14 -2.92 1.22
N LEU A 368 0.37 -3.99 1.04
CA LEU A 368 -0.02 -4.38 -0.31
C LEU A 368 -1.55 -4.47 -0.30
N VAL A 369 -2.21 -3.54 -0.98
CA VAL A 369 -3.64 -3.35 -0.84
C VAL A 369 -4.38 -3.38 -2.17
N GLU A 370 -5.70 -3.58 -2.08
CA GLU A 370 -6.64 -3.54 -3.20
C GLU A 370 -6.58 -4.72 -4.17
N TYR A 371 -5.85 -5.76 -3.79
CA TYR A 371 -5.92 -7.01 -4.56
C TYR A 371 -7.27 -7.68 -4.28
N ASN A 372 -8.03 -7.95 -5.34
CA ASN A 372 -9.33 -8.59 -5.22
C ASN A 372 -9.33 -9.87 -6.06
N PRO A 373 -9.14 -11.02 -5.40
CA PRO A 373 -9.07 -12.29 -6.14
C PRO A 373 -10.30 -12.56 -7.00
N SER A 374 -11.47 -12.10 -6.59
CA SER A 374 -12.70 -12.44 -7.31
C SER A 374 -12.74 -11.79 -8.69
N LEU A 375 -11.91 -10.76 -8.86
CA LEU A 375 -11.85 -10.00 -10.09
C LEU A 375 -10.67 -10.44 -10.96
N ASP A 376 -9.87 -11.36 -10.45
CA ASP A 376 -8.59 -11.69 -11.10
C ASP A 376 -8.81 -12.71 -12.24
N GLU A 377 -7.80 -12.87 -13.09
CA GLU A 377 -7.89 -13.77 -14.25
C GLU A 377 -6.66 -14.67 -14.32
N VAL A 378 -6.74 -15.75 -15.07
CA VAL A 378 -5.62 -16.68 -15.26
C VAL A 378 -4.89 -16.36 -16.57
N ASP A 379 -3.61 -16.72 -16.69
CA ASP A 379 -2.90 -16.60 -17.98
C ASP A 379 -2.97 -17.89 -18.82
N LYS A 380 -2.38 -18.99 -18.34
CA LYS A 380 -1.49 -18.97 -17.18
C LYS A 380 -0.18 -19.77 -17.36
N LYS A 381 0.17 -20.54 -16.33
CA LYS A 381 1.55 -21.03 -16.12
C LYS A 381 2.50 -21.01 -17.31
N VAL A 382 3.50 -20.15 -17.19
CA VAL A 382 4.62 -20.11 -18.13
C VAL A 382 5.87 -20.50 -17.36
N HIS A 383 6.91 -20.91 -18.07
CA HIS A 383 8.14 -21.37 -17.41
C HIS A 383 8.71 -20.32 -16.47
N GLY A 384 8.58 -19.05 -16.85
CA GLY A 384 9.12 -17.94 -16.07
C GLY A 384 8.54 -17.79 -14.68
N ASP A 385 7.38 -18.42 -14.44
CA ASP A 385 6.82 -18.43 -13.09
C ASP A 385 7.61 -19.43 -12.25
N SER A 386 8.78 -19.01 -11.77
CA SER A 386 9.72 -19.93 -11.15
C SER A 386 9.72 -19.88 -9.62
N LEU A 387 9.37 -18.73 -9.05
CA LEU A 387 9.16 -18.65 -7.60
C LEU A 387 8.23 -19.78 -7.18
N PRO A 388 8.35 -20.26 -5.94
CA PRO A 388 7.45 -21.34 -5.51
C PRO A 388 6.01 -20.85 -5.37
N ILE A 389 5.45 -20.37 -6.47
CA ILE A 389 4.07 -19.92 -6.52
C ILE A 389 3.20 -20.98 -7.22
N LEU A 390 1.99 -21.19 -6.69
CA LEU A 390 1.09 -22.21 -7.20
C LEU A 390 0.96 -22.15 -8.72
N ASP A 391 1.03 -23.31 -9.37
CA ASP A 391 0.90 -23.38 -10.82
C ASP A 391 -0.46 -22.81 -11.25
N ASN A 392 -0.45 -22.01 -12.32
CA ASN A 392 -1.68 -21.49 -12.90
C ASN A 392 -2.44 -20.53 -12.00
N ALA A 393 -1.75 -19.97 -11.00
CA ALA A 393 -2.36 -18.96 -10.15
C ALA A 393 -2.87 -17.80 -11.00
N THR A 394 -3.92 -17.13 -10.52
CA THR A 394 -4.43 -15.94 -11.19
C THR A 394 -3.32 -14.88 -11.25
N LYS A 395 -3.33 -14.05 -12.30
CA LYS A 395 -2.14 -13.27 -12.61
C LYS A 395 -1.82 -12.14 -11.63
N THR A 396 -2.84 -11.50 -11.07
CA THR A 396 -2.62 -10.40 -10.13
C THR A 396 -2.07 -10.94 -8.81
N GLY A 397 -2.60 -12.07 -8.37
CA GLY A 397 -2.10 -12.71 -7.16
C GLY A 397 -0.65 -13.12 -7.29
N LYS A 398 -0.32 -13.70 -8.42
CA LYS A 398 1.05 -14.07 -8.72
C LYS A 398 1.96 -12.83 -8.76
N LEU A 399 1.49 -11.77 -9.38
CA LEU A 399 2.26 -10.52 -9.42
C LEU A 399 2.50 -9.98 -8.01
N CYS A 400 1.47 -9.99 -7.17
CA CYS A 400 1.61 -9.55 -5.78
C CYS A 400 2.72 -10.30 -5.05
N LEU A 401 2.77 -11.62 -5.21
CA LEU A 401 3.82 -12.41 -4.58
C LEU A 401 5.21 -12.10 -5.14
N GLU A 402 5.27 -11.84 -6.44
CA GLU A 402 6.54 -11.49 -7.06
C GLU A 402 7.03 -10.11 -6.58
N LEU A 403 6.10 -9.20 -6.35
CA LEU A 403 6.48 -7.86 -5.91
C LEU A 403 6.93 -7.90 -4.46
N ILE A 404 6.29 -8.74 -3.66
CA ILE A 404 6.74 -8.96 -2.29
C ILE A 404 8.13 -9.57 -2.28
N ALA A 405 8.36 -10.51 -3.19
CA ALA A 405 9.68 -11.11 -3.35
C ALA A 405 10.74 -10.06 -3.72
N ARG A 406 10.39 -9.16 -4.63
CA ARG A 406 11.32 -8.09 -5.00
C ARG A 406 11.75 -7.30 -3.76
N VAL A 407 10.79 -6.97 -2.91
CA VAL A 407 11.09 -6.19 -1.71
C VAL A 407 11.99 -6.99 -0.77
N LEU A 408 11.83 -8.31 -0.78
CA LEU A 408 12.67 -9.16 0.05
C LEU A 408 14.00 -9.53 -0.63
N GLY A 409 14.30 -8.91 -1.77
CA GLY A 409 15.60 -9.09 -2.38
C GLY A 409 15.67 -9.96 -3.63
N TYR A 410 14.53 -10.47 -4.08
CA TYR A 410 14.47 -11.28 -5.31
C TYR A 410 14.96 -10.49 -6.53
N ASP A 411 15.94 -11.05 -7.24
CA ASP A 411 16.54 -10.36 -8.39
C ASP A 411 16.83 -11.34 -9.53
N ILE A 412 17.03 -10.80 -10.73
CA ILE A 412 17.21 -11.64 -11.92
C ILE A 412 18.51 -12.44 -11.89
N VAL A 413 19.61 -11.78 -11.51
CA VAL A 413 20.87 -12.47 -11.29
C VAL A 413 21.60 -11.87 -10.09
MN MN B . -5.89 3.17 -6.32
MN MN C . -5.29 3.45 -3.05
B1 FB5 D . -8.04 3.58 -4.59
F1 FB5 D . -14.69 7.89 -6.29
N1 FB5 D . -11.35 9.27 -5.70
O1 FB5 D . -6.82 4.19 -4.53
C2 FB5 D . -12.91 8.27 -4.44
F2 FB5 D . -13.51 8.97 -7.85
O2 FB5 D . -8.16 2.25 -4.91
C3 FB5 D . -12.38 8.26 -5.90
O3 FB5 D . -13.63 7.38 -4.02
C4 FB5 D . -10.00 5.15 -5.41
O4 FB5 D . -12.56 9.32 -3.60
C5 FB5 D . -9.36 4.40 -4.26
C6 FB5 D . -11.94 6.78 -5.95
C7 FB5 D . -13.67 8.70 -6.55
C8 FB5 D . -10.77 6.40 -5.06
#